data_4WWF
#
_entry.id   4WWF
#
_cell.length_a   43.910
_cell.length_b   47.520
_cell.length_c   193.740
_cell.angle_alpha   90.000
_cell.angle_beta   90.000
_cell.angle_gamma   90.000
#
_symmetry.space_group_name_H-M   'C 2 2 21'
#
loop_
_entity.id
_entity.type
_entity.pdbx_description
1 polymer 'Nickel and cobalt resistance protein CnrR'
2 non-polymer 'NICKEL (II) ION'
3 non-polymer 'SODIUM ION'
4 water water
#
_entity_poly.entity_id   1
_entity_poly.type   'polypeptide(L)'
_entity_poly.pdbx_seq_one_letter_code
;SHRNEAGHGDLHEILHEAVPLDANEREILELKEDAFAQRRREIETRLRAANGKLADAIAKNPAWSPEVEAATQEVERAAG
DLQRATLVHVFECRAGLKPEHRPAYDRVLIDALRRGSQ
;
_entity_poly.pdbx_strand_id   A,B
#
loop_
_chem_comp.id
_chem_comp.type
_chem_comp.name
_chem_comp.formula
NA non-polymer 'SODIUM ION' 'Na 1'
NI non-polymer 'NICKEL (II) ION' 'Ni 2'
#
# COMPACT_ATOMS: atom_id res chain seq x y z
N HIS A 8 16.32 -12.58 3.42
CA HIS A 8 15.82 -13.53 4.47
C HIS A 8 15.13 -12.81 5.62
N GLY A 9 14.69 -11.59 5.39
CA GLY A 9 13.98 -10.86 6.43
C GLY A 9 12.61 -11.46 6.73
N ASP A 10 12.12 -11.21 7.96
CA ASP A 10 10.80 -11.71 8.40
C ASP A 10 9.79 -10.65 8.03
N LEU A 11 9.14 -10.83 6.90
CA LEU A 11 8.23 -9.82 6.39
C LEU A 11 7.15 -9.45 7.41
N HIS A 12 6.54 -10.47 8.00
CA HIS A 12 5.45 -10.23 8.95
C HIS A 12 5.88 -9.40 10.13
N GLU A 13 7.01 -9.79 10.73
CA GLU A 13 7.55 -9.06 11.88
CA GLU A 13 7.55 -9.08 11.87
C GLU A 13 7.93 -7.63 11.49
N ILE A 14 8.54 -7.46 10.32
CA ILE A 14 8.90 -6.14 9.85
C ILE A 14 7.67 -5.23 9.82
N LEU A 15 6.58 -5.72 9.22
CA LEU A 15 5.38 -4.91 9.13
C LEU A 15 4.79 -4.56 10.48
N HIS A 16 4.74 -5.55 11.38
CA HIS A 16 4.17 -5.29 12.72
C HIS A 16 5.00 -4.28 13.50
N GLU A 17 6.32 -4.31 13.32
CA GLU A 17 7.14 -3.38 14.09
CA GLU A 17 7.28 -3.44 14.03
C GLU A 17 7.18 -2.01 13.51
N ALA A 18 7.06 -1.88 12.20
CA ALA A 18 7.26 -0.63 11.50
C ALA A 18 6.03 0.19 11.23
N VAL A 19 4.84 -0.41 11.30
CA VAL A 19 3.61 0.31 10.92
C VAL A 19 2.60 0.29 12.07
N PRO A 20 2.52 1.39 12.83
CA PRO A 20 1.52 1.46 13.88
C PRO A 20 0.10 1.32 13.35
N LEU A 21 -0.75 0.70 14.17
CA LEU A 21 -2.19 0.62 13.90
C LEU A 21 -2.93 1.54 14.82
N ASP A 22 -4.05 2.07 14.34
CA ASP A 22 -4.95 2.80 15.18
C ASP A 22 -5.82 1.90 16.04
N ALA A 23 -6.62 2.45 16.94
CA ALA A 23 -7.35 1.58 17.87
C ALA A 23 -8.30 0.64 17.16
N ASN A 24 -9.06 1.16 16.21
CA ASN A 24 -10.00 0.32 15.50
C ASN A 24 -9.29 -0.76 14.69
N GLU A 25 -8.21 -0.38 14.01
CA GLU A 25 -7.46 -1.33 13.22
C GLU A 25 -6.95 -2.47 14.07
N ARG A 26 -6.39 -2.17 15.24
CA ARG A 26 -5.89 -3.19 16.14
CA ARG A 26 -5.90 -3.21 16.13
C ARG A 26 -7.03 -4.13 16.54
N GLU A 27 -8.16 -3.57 16.94
CA GLU A 27 -9.25 -4.38 17.42
CA GLU A 27 -9.33 -4.34 17.38
C GLU A 27 -9.81 -5.28 16.29
N ILE A 28 -9.99 -4.74 15.08
CA ILE A 28 -10.65 -5.54 14.05
C ILE A 28 -9.75 -6.58 13.46
N LEU A 29 -8.43 -6.52 13.71
CA LEU A 29 -7.49 -7.49 13.17
C LEU A 29 -7.08 -8.54 14.17
N GLU A 30 -7.54 -8.48 15.43
CA GLU A 30 -7.05 -9.40 16.47
CA GLU A 30 -7.10 -9.36 16.48
C GLU A 30 -7.33 -10.85 16.12
N LEU A 31 -8.52 -11.14 15.62
CA LEU A 31 -8.85 -12.53 15.33
C LEU A 31 -8.03 -13.09 14.15
N LYS A 32 -7.85 -12.25 13.16
CA LYS A 32 -7.00 -12.62 12.02
CA LYS A 32 -7.00 -12.62 12.02
C LYS A 32 -5.56 -12.85 12.46
N GLU A 33 -5.04 -12.03 13.38
CA GLU A 33 -3.69 -12.26 13.89
C GLU A 33 -3.62 -13.58 14.62
N ASP A 34 -4.61 -13.90 15.44
CA ASP A 34 -4.56 -15.17 16.14
C ASP A 34 -4.57 -16.35 15.18
N ALA A 35 -5.45 -16.27 14.17
CA ALA A 35 -5.52 -17.37 13.21
C ALA A 35 -4.22 -17.52 12.46
N PHE A 36 -3.60 -16.40 12.06
CA PHE A 36 -2.33 -16.48 11.35
C PHE A 36 -1.24 -17.02 12.25
N ALA A 37 -1.21 -16.63 13.52
CA ALA A 37 -0.16 -17.18 14.40
C ALA A 37 -0.25 -18.71 14.44
N GLN A 38 -1.48 -19.22 14.52
CA GLN A 38 -1.67 -20.69 14.59
CA GLN A 38 -1.67 -20.68 14.57
C GLN A 38 -1.24 -21.33 13.27
N ARG A 39 -1.66 -20.75 12.16
CA ARG A 39 -1.30 -21.29 10.85
CA ARG A 39 -1.30 -21.26 10.85
C ARG A 39 0.21 -21.24 10.63
N ARG A 40 0.84 -20.13 10.97
CA ARG A 40 2.30 -20.00 10.84
CA ARG A 40 2.28 -20.04 10.82
C ARG A 40 3.00 -21.09 11.63
N ARG A 41 2.56 -21.32 12.87
CA ARG A 41 3.21 -22.32 13.69
CA ARG A 41 3.20 -22.34 13.70
C ARG A 41 3.07 -23.71 13.07
N GLU A 42 1.89 -24.02 12.54
CA GLU A 42 1.69 -25.32 11.92
C GLU A 42 2.63 -25.52 10.74
N ILE A 43 2.71 -24.51 9.86
CA ILE A 43 3.58 -24.63 8.71
C ILE A 43 5.04 -24.66 9.10
N GLU A 44 5.43 -23.88 10.08
CA GLU A 44 6.81 -23.89 10.58
C GLU A 44 7.17 -25.27 11.11
N THR A 45 6.25 -25.95 11.79
CA THR A 45 6.53 -27.30 12.26
C THR A 45 6.83 -28.19 11.05
N ARG A 46 6.04 -28.09 9.99
CA ARG A 46 6.29 -28.86 8.78
C ARG A 46 7.64 -28.52 8.16
N LEU A 47 7.96 -27.24 8.13
CA LEU A 47 9.24 -26.82 7.54
C LEU A 47 10.43 -27.35 8.35
N ARG A 48 10.35 -27.27 9.67
CA ARG A 48 11.45 -27.84 10.47
CA ARG A 48 11.40 -27.83 10.53
C ARG A 48 11.60 -29.31 10.24
N ALA A 49 10.50 -30.01 10.16
CA ALA A 49 10.56 -31.45 9.89
C ALA A 49 11.16 -31.74 8.51
N ALA A 50 10.77 -30.95 7.52
CA ALA A 50 11.29 -31.13 6.17
C ALA A 50 12.78 -30.83 6.12
N ASN A 51 13.23 -29.77 6.82
CA ASN A 51 14.67 -29.50 6.89
C ASN A 51 15.41 -30.67 7.53
N GLY A 52 14.81 -31.26 8.55
CA GLY A 52 15.43 -32.43 9.18
C GLY A 52 15.53 -33.62 8.25
N LYS A 53 14.49 -33.84 7.44
CA LYS A 53 14.53 -34.94 6.50
C LYS A 53 15.54 -34.72 5.40
N LEU A 54 15.73 -33.49 4.97
CA LEU A 54 16.78 -33.19 3.99
C LEU A 54 18.14 -33.43 4.60
N ALA A 55 18.36 -32.97 5.83
CA ALA A 55 19.62 -33.24 6.55
C ALA A 55 19.88 -34.75 6.67
N ASP A 56 18.83 -35.50 7.04
CA ASP A 56 18.99 -36.93 7.22
C ASP A 56 19.34 -37.61 5.89
N ALA A 57 18.67 -37.20 4.81
CA ALA A 57 18.92 -37.78 3.49
C ALA A 57 20.36 -37.57 3.08
N ILE A 58 20.84 -36.35 3.26
CA ILE A 58 22.20 -36.03 2.87
C ILE A 58 23.20 -36.71 3.79
N ALA A 59 22.87 -36.86 5.09
CA ALA A 59 23.73 -37.60 5.99
C ALA A 59 23.99 -39.02 5.49
N LYS A 60 22.97 -39.65 4.96
CA LYS A 60 23.13 -41.02 4.45
CA LYS A 60 23.08 -41.03 4.44
C LYS A 60 23.91 -41.11 3.16
N ASN A 61 23.74 -40.15 2.29
CA ASN A 61 24.63 -40.07 1.04
CA ASN A 61 24.68 -40.03 1.15
C ASN A 61 24.57 -38.67 0.52
N PRO A 62 25.66 -37.89 0.67
CA PRO A 62 25.60 -36.58 0.16
C PRO A 62 25.79 -36.58 -1.34
N ALA A 63 24.66 -36.52 -2.03
CA ALA A 63 24.59 -36.61 -3.47
C ALA A 63 23.24 -36.10 -3.88
N TRP A 64 23.13 -35.60 -5.11
CA TRP A 64 21.80 -35.19 -5.64
C TRP A 64 21.13 -36.43 -6.18
N SER A 65 20.48 -37.15 -5.29
CA SER A 65 19.82 -38.45 -5.47
C SER A 65 18.32 -38.26 -5.42
N PRO A 66 17.58 -39.32 -5.79
CA PRO A 66 16.12 -39.19 -5.68
C PRO A 66 15.66 -38.79 -4.26
N GLU A 67 16.23 -39.36 -3.20
CA GLU A 67 15.79 -39.04 -1.83
CA GLU A 67 15.78 -39.03 -1.90
C GLU A 67 16.06 -37.58 -1.52
N VAL A 68 17.23 -37.10 -1.92
CA VAL A 68 17.62 -35.74 -1.65
C VAL A 68 16.76 -34.78 -2.44
N GLU A 69 16.48 -35.11 -3.71
CA GLU A 69 15.66 -34.32 -4.51
C GLU A 69 14.20 -34.21 -3.93
N ALA A 70 13.63 -35.33 -3.52
CA ALA A 70 12.29 -35.33 -2.96
C ALA A 70 12.28 -34.53 -1.66
N ALA A 71 13.30 -34.63 -0.82
CA ALA A 71 13.36 -33.90 0.43
C ALA A 71 13.47 -32.40 0.16
N THR A 72 14.20 -32.01 -0.86
CA THR A 72 14.28 -30.59 -1.22
CA THR A 72 14.25 -30.56 -1.21
C THR A 72 12.90 -30.07 -1.66
N GLN A 73 12.15 -30.90 -2.39
CA GLN A 73 10.80 -30.48 -2.78
C GLN A 73 9.87 -30.32 -1.60
N GLU A 74 10.00 -31.18 -0.59
CA GLU A 74 9.16 -31.02 0.60
CA GLU A 74 9.16 -31.04 0.59
C GLU A 74 9.49 -29.74 1.36
N VAL A 75 10.77 -29.40 1.43
CA VAL A 75 11.17 -28.12 2.03
C VAL A 75 10.55 -26.97 1.25
N GLU A 76 10.67 -27.03 -0.08
CA GLU A 76 10.16 -25.95 -0.93
CA GLU A 76 10.16 -25.95 -0.93
C GLU A 76 8.67 -25.78 -0.79
N ARG A 77 7.94 -26.89 -0.72
CA ARG A 77 6.49 -26.82 -0.57
CA ARG A 77 6.48 -26.80 -0.58
C ARG A 77 6.10 -26.17 0.75
N ALA A 78 6.76 -26.57 1.84
CA ALA A 78 6.47 -25.96 3.15
C ALA A 78 6.82 -24.48 3.19
N ALA A 79 7.98 -24.14 2.63
CA ALA A 79 8.37 -22.71 2.59
C ALA A 79 7.40 -21.92 1.74
N GLY A 80 6.95 -22.50 0.63
CA GLY A 80 6.02 -21.83 -0.26
C GLY A 80 4.65 -21.65 0.39
N ASP A 81 4.19 -22.65 1.14
CA ASP A 81 2.93 -22.55 1.84
C ASP A 81 3.02 -21.42 2.86
N LEU A 82 4.15 -21.31 3.54
CA LEU A 82 4.35 -20.25 4.53
C LEU A 82 4.39 -18.87 3.87
N GLN A 83 5.08 -18.79 2.74
CA GLN A 83 5.16 -17.52 2.03
CA GLN A 83 5.17 -17.53 2.01
C GLN A 83 3.79 -17.05 1.61
N ARG A 84 2.98 -17.97 1.04
CA ARG A 84 1.64 -17.61 0.59
CA ARG A 84 1.66 -17.61 0.59
C ARG A 84 0.71 -17.25 1.75
N ALA A 85 0.75 -18.05 2.81
CA ALA A 85 -0.11 -17.75 3.94
C ALA A 85 0.24 -16.37 4.53
N THR A 86 1.54 -16.06 4.54
CA THR A 86 2.00 -14.77 5.05
C THR A 86 1.49 -13.64 4.17
N LEU A 87 1.62 -13.78 2.86
CA LEU A 87 1.13 -12.71 1.97
C LEU A 87 -0.38 -12.56 2.09
N VAL A 88 -1.14 -13.66 2.10
CA VAL A 88 -2.60 -13.54 2.25
C VAL A 88 -2.93 -12.81 3.54
N HIS A 89 -2.23 -13.12 4.64
CA HIS A 89 -2.47 -12.42 5.88
C HIS A 89 -2.11 -10.94 5.78
N VAL A 90 -0.99 -10.63 5.15
CA VAL A 90 -0.66 -9.21 4.91
C VAL A 90 -1.76 -8.50 4.16
N PHE A 91 -2.29 -9.14 3.12
CA PHE A 91 -3.35 -8.51 2.33
C PHE A 91 -4.65 -8.38 3.13
N GLU A 92 -4.98 -9.35 3.96
CA GLU A 92 -6.22 -9.26 4.72
C GLU A 92 -6.08 -8.16 5.78
N CYS A 93 -4.89 -7.90 6.31
CA CYS A 93 -4.70 -6.78 7.21
C CYS A 93 -4.87 -5.46 6.50
N ARG A 94 -4.33 -5.37 5.31
CA ARG A 94 -4.46 -4.16 4.53
C ARG A 94 -5.89 -3.77 4.31
N ALA A 95 -6.78 -4.75 4.13
CA ALA A 95 -8.18 -4.48 3.94
C ALA A 95 -8.82 -3.79 5.11
N GLY A 96 -8.37 -4.11 6.35
CA GLY A 96 -8.87 -3.48 7.56
C GLY A 96 -8.31 -2.10 7.81
N LEU A 97 -7.23 -1.72 7.18
CA LEU A 97 -6.66 -0.39 7.39
C LEU A 97 -7.50 0.66 6.77
N LYS A 98 -7.56 1.84 7.41
CA LYS A 98 -8.13 3.00 6.73
C LYS A 98 -7.33 3.28 5.47
N PRO A 99 -7.95 3.81 4.41
CA PRO A 99 -7.23 4.05 3.17
C PRO A 99 -6.00 4.94 3.36
N GLU A 100 -6.11 5.96 4.21
CA GLU A 100 -4.99 6.86 4.45
CA GLU A 100 -4.99 6.87 4.46
C GLU A 100 -3.80 6.18 5.07
N HIS A 101 -4.01 5.04 5.74
CA HIS A 101 -2.97 4.33 6.43
C HIS A 101 -2.28 3.30 5.54
N ARG A 102 -2.82 3.02 4.35
CA ARG A 102 -2.23 2.04 3.46
C ARG A 102 -0.92 2.46 2.85
N PRO A 103 -0.71 3.74 2.50
CA PRO A 103 0.58 4.07 1.87
C PRO A 103 1.80 3.69 2.69
N ALA A 104 1.81 3.93 4.00
CA ALA A 104 3.00 3.55 4.77
C ALA A 104 3.12 2.03 4.89
N TYR A 105 1.99 1.34 5.04
CA TYR A 105 1.99 -0.12 5.09
C TYR A 105 2.57 -0.67 3.79
N ASP A 106 2.11 -0.13 2.66
CA ASP A 106 2.60 -0.55 1.37
C ASP A 106 4.06 -0.28 1.19
N ARG A 107 4.54 0.90 1.62
CA ARG A 107 5.96 1.20 1.54
CA ARG A 107 5.96 1.22 1.52
C ARG A 107 6.79 0.17 2.23
N VAL A 108 6.44 -0.16 3.45
CA VAL A 108 7.20 -1.14 4.23
C VAL A 108 7.18 -2.51 3.55
N LEU A 109 5.98 -2.92 3.12
CA LEU A 109 5.78 -4.20 2.43
C LEU A 109 6.63 -4.28 1.17
N ILE A 110 6.49 -3.29 0.30
CA ILE A 110 7.19 -3.31 -0.97
C ILE A 110 8.71 -3.31 -0.77
N ASP A 111 9.19 -2.46 0.14
CA ASP A 111 10.64 -2.37 0.38
C ASP A 111 11.16 -3.71 0.88
N ALA A 112 10.42 -4.34 1.81
CA ALA A 112 10.88 -5.61 2.36
C ALA A 112 10.89 -6.69 1.29
N LEU A 113 9.85 -6.73 0.45
CA LEU A 113 9.81 -7.72 -0.64
C LEU A 113 10.97 -7.51 -1.57
N ARG A 114 11.30 -6.25 -1.87
CA ARG A 114 12.40 -5.97 -2.79
C ARG A 114 13.73 -6.53 -2.30
N ARG A 115 13.90 -6.55 -0.98
CA ARG A 115 15.10 -7.13 -0.33
CA ARG A 115 15.09 -7.13 -0.37
C ARG A 115 15.00 -8.63 -0.14
N GLY A 116 13.92 -9.26 -0.50
CA GLY A 116 13.76 -10.72 -0.39
C GLY A 116 13.12 -11.21 0.89
N SER A 117 12.53 -10.34 1.68
CA SER A 117 11.84 -10.77 2.90
C SER A 117 10.56 -11.52 2.53
N GLN A 118 10.24 -12.53 3.34
CA GLN A 118 9.08 -13.41 3.14
CA GLN A 118 9.02 -13.32 3.13
C GLN A 118 8.37 -13.70 4.44
N ASP B 10 1.02 24.23 -8.20
N ASP B 10 0.19 22.15 -9.92
CA ASP B 10 0.19 23.18 -7.55
CA ASP B 10 0.69 22.76 -8.66
C ASP B 10 1.17 22.29 -6.80
C ASP B 10 1.39 21.62 -7.91
N LEU B 11 0.74 21.69 -5.69
N LEU B 11 1.18 21.49 -6.61
CA LEU B 11 1.60 20.74 -5.01
CA LEU B 11 1.95 20.52 -5.85
C LEU B 11 1.91 19.68 -6.05
C LEU B 11 1.95 19.05 -6.41
N HIS B 12 0.84 19.17 -6.63
N HIS B 12 0.81 18.38 -6.68
CA HIS B 12 0.91 17.97 -7.40
CA HIS B 12 0.95 16.96 -7.18
C HIS B 12 1.70 18.18 -8.67
C HIS B 12 1.60 16.96 -8.57
N GLU B 13 1.41 19.34 -9.24
N GLU B 13 1.38 18.05 -9.28
CA GLU B 13 2.04 19.74 -10.45
CA GLU B 13 2.00 18.26 -10.58
C GLU B 13 3.56 19.76 -10.30
C GLU B 13 3.49 18.60 -10.49
N ILE B 14 4.12 20.16 -9.18
N ILE B 14 3.84 19.55 -9.63
CA ILE B 14 5.58 20.20 -9.20
CA ILE B 14 5.22 19.99 -9.43
C ILE B 14 6.29 18.89 -8.84
C ILE B 14 6.11 18.80 -9.06
N LEU B 15 5.60 17.95 -8.20
CA LEU B 15 6.24 16.70 -7.82
C LEU B 15 6.57 15.75 -8.96
N HIS B 16 5.76 15.78 -10.00
CA HIS B 16 5.94 14.83 -11.11
CA HIS B 16 5.96 14.87 -11.13
C HIS B 16 7.32 14.89 -11.79
C HIS B 16 7.36 15.03 -11.81
N GLU B 17 7.98 16.04 -11.65
N GLU B 17 7.95 16.21 -11.67
CA GLU B 17 9.27 16.26 -12.29
CA GLU B 17 9.28 16.49 -12.22
C GLU B 17 10.43 16.07 -11.32
N ALA B 18 10.17 15.65 -10.09
CA ALA B 18 11.22 15.52 -9.08
C ALA B 18 12.25 14.42 -9.31
N VAL B 19 11.83 13.30 -9.90
CA VAL B 19 12.66 12.10 -9.97
CA VAL B 19 12.67 12.12 -9.95
C VAL B 19 12.58 11.57 -11.37
N PRO B 20 13.70 11.19 -11.96
CA PRO B 20 13.68 10.45 -13.25
C PRO B 20 13.24 9.02 -12.99
N LEU B 21 11.96 8.73 -13.14
CA LEU B 21 11.43 7.45 -12.75
C LEU B 21 12.06 6.30 -13.58
N ASP B 22 12.50 5.23 -12.96
N ASP B 22 12.60 5.27 -12.91
CA ASP B 22 12.93 4.11 -13.73
CA ASP B 22 13.03 3.99 -13.53
C ASP B 22 11.75 3.33 -14.25
C ASP B 22 11.81 3.34 -14.21
N ALA B 23 12.03 2.36 -15.09
CA ALA B 23 10.90 1.70 -15.76
C ALA B 23 9.92 1.11 -14.77
N ASN B 24 10.44 0.54 -13.66
N ASN B 24 10.41 0.49 -13.69
CA ASN B 24 9.63 -0.15 -12.68
CA ASN B 24 9.47 -0.14 -12.78
C ASN B 24 8.74 0.89 -12.00
C ASN B 24 8.70 0.88 -11.96
N GLU B 25 9.36 1.99 -11.59
CA GLU B 25 8.64 3.03 -10.87
C GLU B 25 7.55 3.61 -11.77
N ARG B 26 7.86 3.82 -13.05
CA ARG B 26 6.79 4.34 -13.97
CA ARG B 26 6.84 4.35 -13.93
C ARG B 26 5.66 3.37 -14.07
N GLU B 27 5.89 2.08 -14.15
N GLU B 27 5.97 2.07 -14.18
CA GLU B 27 4.68 1.27 -14.29
CA GLU B 27 4.97 0.98 -14.24
C GLU B 27 3.87 1.19 -13.01
C GLU B 27 4.03 1.12 -13.05
N ILE B 28 4.49 1.36 -11.87
N ILE B 28 4.55 1.33 -11.86
CA ILE B 28 3.69 1.45 -10.64
CA ILE B 28 3.72 1.46 -10.63
C ILE B 28 3.00 2.82 -10.52
N LEU B 29 3.75 3.92 -10.69
CA LEU B 29 3.24 5.28 -10.44
CA LEU B 29 3.18 5.24 -10.46
C LEU B 29 2.13 5.62 -11.50
N GLU B 30 2.25 5.17 -12.75
CA GLU B 30 1.22 5.58 -13.75
C GLU B 30 -0.14 5.07 -13.35
N LEU B 31 -0.21 3.93 -12.66
CA LEU B 31 -1.42 3.40 -12.14
C LEU B 31 -2.00 4.26 -11.10
N LYS B 32 -1.16 4.73 -10.18
CA LYS B 32 -1.65 5.58 -9.13
CA LYS B 32 -1.66 5.56 -9.12
C LYS B 32 -2.14 6.89 -9.76
N GLU B 33 -1.46 7.34 -10.82
N GLU B 33 -1.42 7.38 -10.77
CA GLU B 33 -1.85 8.61 -11.51
CA GLU B 33 -1.80 8.64 -11.45
C GLU B 33 -3.20 8.49 -12.17
C GLU B 33 -3.17 8.51 -12.14
N ASP B 34 -3.46 7.37 -12.79
CA ASP B 34 -4.76 7.14 -13.44
C ASP B 34 -5.90 7.24 -12.43
N ALA B 35 -5.76 6.47 -11.34
CA ALA B 35 -6.76 6.50 -10.28
C ALA B 35 -6.93 7.86 -9.70
N PHE B 36 -5.84 8.56 -9.46
CA PHE B 36 -5.96 9.87 -8.85
C PHE B 36 -6.64 10.83 -9.81
N ALA B 37 -6.31 10.76 -11.11
CA ALA B 37 -6.92 11.66 -12.05
C ALA B 37 -8.43 11.44 -12.07
N GLN B 38 -8.85 10.19 -12.00
CA GLN B 38 -10.28 9.91 -11.94
C GLN B 38 -10.91 10.46 -10.67
N ARG B 39 -10.25 10.31 -9.53
CA ARG B 39 -10.75 10.87 -8.28
C ARG B 39 -10.89 12.38 -8.31
N ARG B 40 -9.87 13.01 -8.87
CA ARG B 40 -9.92 14.42 -9.03
CA ARG B 40 -9.90 14.45 -9.05
C ARG B 40 -11.08 14.88 -9.93
N ARG B 41 -11.27 14.18 -11.03
CA ARG B 41 -12.36 14.53 -11.94
C ARG B 41 -13.72 14.42 -11.25
N GLU B 42 -13.86 13.40 -10.41
CA GLU B 42 -15.11 13.22 -9.67
C GLU B 42 -15.37 14.36 -8.67
N ILE B 43 -14.33 14.77 -7.96
CA ILE B 43 -14.46 15.90 -7.08
C ILE B 43 -14.77 17.17 -7.87
N GLU B 44 -14.08 17.39 -9.00
CA GLU B 44 -14.32 18.60 -9.83
CA GLU B 44 -14.29 18.58 -9.84
C GLU B 44 -15.72 18.64 -10.35
N THR B 45 -16.27 17.48 -10.69
CA THR B 45 -17.66 17.38 -11.13
C THR B 45 -18.63 17.85 -10.05
N ARG B 46 -18.38 17.45 -8.80
CA ARG B 46 -19.22 17.92 -7.70
CA ARG B 46 -19.26 17.91 -7.73
C ARG B 46 -19.08 19.41 -7.48
N LEU B 47 -17.86 19.89 -7.51
CA LEU B 47 -17.62 21.30 -7.32
C LEU B 47 -18.31 22.15 -8.39
N ARG B 48 -18.13 21.74 -9.65
CA ARG B 48 -18.77 22.44 -10.74
C ARG B 48 -20.30 22.50 -10.63
N ALA B 49 -20.87 21.37 -10.25
CA ALA B 49 -22.31 21.33 -10.08
C ALA B 49 -22.77 22.26 -8.97
N ALA B 50 -22.04 22.26 -7.85
CA ALA B 50 -22.42 23.12 -6.74
C ALA B 50 -22.29 24.58 -7.11
N ASN B 51 -21.19 24.92 -7.81
CA ASN B 51 -21.05 26.31 -8.23
C ASN B 51 -22.12 26.73 -9.21
N GLY B 52 -22.54 25.80 -10.07
CA GLY B 52 -23.67 26.08 -10.97
C GLY B 52 -24.95 26.33 -10.23
N LYS B 53 -25.19 25.58 -9.17
N LYS B 53 -25.17 25.54 -9.18
CA LYS B 53 -26.38 25.82 -8.35
CA LYS B 53 -26.29 25.70 -8.29
C LYS B 53 -26.31 27.16 -7.64
C LYS B 53 -26.29 27.10 -7.65
N LEU B 54 -25.12 27.57 -7.21
CA LEU B 54 -24.98 28.88 -6.63
C LEU B 54 -25.26 29.97 -7.63
N ALA B 55 -24.73 29.81 -8.86
CA ALA B 55 -24.99 30.80 -9.90
C ALA B 55 -26.50 30.93 -10.18
N ASP B 56 -27.16 29.79 -10.28
CA ASP B 56 -28.60 29.79 -10.53
C ASP B 56 -29.36 30.45 -9.40
N ALA B 57 -28.96 30.16 -8.16
CA ALA B 57 -29.60 30.76 -7.00
C ALA B 57 -29.39 32.28 -6.94
N ILE B 58 -28.21 32.74 -7.28
CA ILE B 58 -27.93 34.18 -7.29
C ILE B 58 -28.78 34.86 -8.35
N ALA B 59 -28.90 34.24 -9.51
CA ALA B 59 -29.77 34.78 -10.55
C ALA B 59 -31.23 34.80 -10.15
N LYS B 60 -31.70 33.68 -9.55
N LYS B 60 -31.66 33.79 -9.42
CA LYS B 60 -33.14 33.52 -9.16
CA LYS B 60 -33.06 33.67 -9.19
C LYS B 60 -33.47 34.52 -8.10
C LYS B 60 -33.52 34.44 -7.95
N ASN B 61 -32.76 34.39 -6.98
N ASN B 61 -32.72 34.41 -6.89
CA ASN B 61 -33.10 35.08 -5.74
CA ASN B 61 -33.10 34.78 -5.51
C ASN B 61 -31.86 35.11 -4.85
C ASN B 61 -31.81 35.05 -4.74
N PRO B 62 -31.21 36.26 -4.81
CA PRO B 62 -29.90 36.41 -4.19
C PRO B 62 -29.96 36.58 -2.68
N ALA B 63 -30.33 35.49 -2.03
CA ALA B 63 -30.37 35.38 -0.57
C ALA B 63 -29.76 34.05 -0.25
N TRP B 64 -29.32 33.91 1.00
CA TRP B 64 -28.75 32.65 1.49
C TRP B 64 -29.82 31.69 1.94
N SER B 65 -30.46 31.10 0.94
CA SER B 65 -31.57 30.16 1.07
C SER B 65 -31.07 28.76 1.46
N PRO B 66 -32.00 27.81 1.73
CA PRO B 66 -31.56 26.45 1.94
C PRO B 66 -30.79 25.88 0.73
N GLU B 67 -31.14 26.27 -0.48
CA GLU B 67 -30.39 25.77 -1.64
CA GLU B 67 -30.41 25.77 -1.64
C GLU B 67 -28.98 26.34 -1.69
N VAL B 68 -28.80 27.60 -1.32
CA VAL B 68 -27.46 28.16 -1.22
C VAL B 68 -26.63 27.49 -0.12
N GLU B 69 -27.25 27.25 1.02
CA GLU B 69 -26.53 26.59 2.10
C GLU B 69 -26.09 25.20 1.67
N ALA B 70 -27.01 24.46 1.03
CA ALA B 70 -26.65 23.10 0.57
C ALA B 70 -25.53 23.12 -0.46
N ALA B 71 -25.59 24.02 -1.40
CA ALA B 71 -24.56 24.12 -2.40
C ALA B 71 -23.24 24.53 -1.79
N THR B 72 -23.26 25.46 -0.81
CA THR B 72 -22.00 25.86 -0.14
C THR B 72 -21.42 24.69 0.60
N GLN B 73 -22.24 23.88 1.25
CA GLN B 73 -21.69 22.70 1.93
C GLN B 73 -21.01 21.78 0.92
N GLU B 74 -21.59 21.62 -0.26
CA GLU B 74 -20.96 20.83 -1.31
CA GLU B 74 -20.97 20.80 -1.31
C GLU B 74 -19.63 21.41 -1.76
N VAL B 75 -19.54 22.73 -1.91
CA VAL B 75 -18.29 23.37 -2.22
C VAL B 75 -17.24 23.15 -1.12
N GLU B 76 -17.65 23.29 0.12
CA GLU B 76 -16.72 23.09 1.23
C GLU B 76 -16.19 21.65 1.23
N ARG B 77 -17.09 20.69 1.03
CA ARG B 77 -16.72 19.28 1.00
C ARG B 77 -15.79 18.97 -0.11
N ALA B 78 -16.10 19.47 -1.31
CA ALA B 78 -15.23 19.22 -2.45
C ALA B 78 -13.84 19.86 -2.21
N ALA B 79 -13.78 21.05 -1.64
CA ALA B 79 -12.51 21.73 -1.38
C ALA B 79 -11.68 20.88 -0.42
N GLY B 80 -12.31 20.41 0.65
CA GLY B 80 -11.57 19.58 1.60
C GLY B 80 -11.15 18.25 1.00
N ASP B 81 -12.06 17.62 0.25
CA ASP B 81 -11.80 16.32 -0.32
C ASP B 81 -10.68 16.34 -1.28
N LEU B 82 -10.54 17.43 -2.04
CA LEU B 82 -9.41 17.54 -2.95
C LEU B 82 -8.10 17.60 -2.16
N GLN B 83 -8.08 18.30 -1.04
CA GLN B 83 -6.87 18.42 -0.26
C GLN B 83 -6.46 17.05 0.32
N ARG B 84 -7.41 16.34 0.90
CA ARG B 84 -7.12 15.05 1.48
C ARG B 84 -6.69 14.06 0.40
N ALA B 85 -7.41 14.03 -0.72
CA ALA B 85 -7.09 13.06 -1.79
C ALA B 85 -5.70 13.32 -2.33
N THR B 86 -5.34 14.60 -2.46
CA THR B 86 -4.02 14.95 -2.93
C THR B 86 -2.95 14.43 -1.96
N LEU B 87 -3.16 14.66 -0.68
CA LEU B 87 -2.20 14.20 0.32
CA LEU B 87 -2.19 14.17 0.31
C LEU B 87 -2.09 12.66 0.29
N VAL B 88 -3.20 11.94 0.23
CA VAL B 88 -3.13 10.49 0.14
C VAL B 88 -2.30 10.07 -1.10
N HIS B 89 -2.54 10.74 -2.23
N HIS B 89 -2.53 10.75 -2.23
CA HIS B 89 -1.82 10.44 -3.45
CA HIS B 89 -1.80 10.44 -3.46
C HIS B 89 -0.31 10.68 -3.30
C HIS B 89 -0.30 10.68 -3.29
N VAL B 90 0.07 11.78 -2.64
CA VAL B 90 1.51 12.02 -2.50
CA VAL B 90 1.45 12.05 -2.44
C VAL B 90 2.13 10.96 -1.62
N PHE B 91 1.44 10.47 -0.60
CA PHE B 91 2.00 9.40 0.19
C PHE B 91 2.05 8.10 -0.62
N GLU B 92 1.02 7.82 -1.40
CA GLU B 92 0.97 6.61 -2.24
CA GLU B 92 1.08 6.56 -2.09
C GLU B 92 2.14 6.53 -3.19
N CYS B 93 2.45 7.66 -3.81
CA CYS B 93 3.52 7.67 -4.78
C CYS B 93 4.86 7.38 -4.16
N ARG B 94 5.10 7.79 -2.89
N ARG B 94 5.02 7.80 -2.94
CA ARG B 94 6.41 7.44 -2.26
CA ARG B 94 6.24 7.60 -2.29
C ARG B 94 6.62 5.99 -2.25
C ARG B 94 6.58 6.08 -2.17
N ALA B 95 5.57 5.22 -2.01
CA ALA B 95 5.74 3.75 -1.93
C ALA B 95 6.16 3.15 -3.25
N GLY B 96 5.79 3.78 -4.37
CA GLY B 96 6.17 3.28 -5.68
C GLY B 96 7.58 3.63 -6.08
N LEU B 97 8.22 4.57 -5.42
CA LEU B 97 9.61 4.87 -5.61
C LEU B 97 10.48 3.88 -4.87
N LYS B 98 11.61 3.49 -5.44
CA LYS B 98 12.59 2.74 -4.66
CA LYS B 98 12.60 2.74 -4.67
C LYS B 98 13.16 3.64 -3.56
N PRO B 99 13.59 3.05 -2.45
CA PRO B 99 14.02 3.89 -1.30
C PRO B 99 15.05 4.92 -1.68
N GLU B 100 16.04 4.51 -2.46
CA GLU B 100 17.15 5.39 -2.83
C GLU B 100 16.70 6.59 -3.65
N HIS B 101 15.48 6.55 -4.21
CA HIS B 101 14.96 7.65 -5.01
C HIS B 101 14.01 8.58 -4.28
N ARG B 102 13.69 8.28 -3.01
CA ARG B 102 12.77 9.11 -2.26
C ARG B 102 13.33 10.47 -1.87
N PRO B 103 14.63 10.66 -1.62
CA PRO B 103 15.04 12.00 -1.17
C PRO B 103 14.70 13.15 -2.09
N ALA B 104 14.81 13.03 -3.41
CA ALA B 104 14.48 14.20 -4.24
C ALA B 104 12.98 14.48 -4.22
N TYR B 105 12.19 13.39 -4.19
CA TYR B 105 10.73 13.51 -4.07
C TYR B 105 10.37 14.26 -2.79
N ASP B 106 10.95 13.82 -1.67
CA ASP B 106 10.67 14.41 -0.41
C ASP B 106 11.11 15.89 -0.36
N ARG B 107 12.25 16.21 -0.98
CA ARG B 107 12.71 17.62 -1.01
C ARG B 107 11.63 18.49 -1.68
N VAL B 108 11.16 18.05 -2.87
CA VAL B 108 10.17 18.83 -3.59
C VAL B 108 8.87 18.97 -2.77
N LEU B 109 8.44 17.86 -2.17
CA LEU B 109 7.22 17.85 -1.38
C LEU B 109 7.31 18.76 -0.18
N ILE B 110 8.38 18.62 0.60
CA ILE B 110 8.60 19.45 1.80
C ILE B 110 8.67 20.92 1.41
N ASP B 111 9.42 21.22 0.36
CA ASP B 111 9.57 22.63 -0.05
C ASP B 111 8.21 23.18 -0.47
N ALA B 112 7.41 22.40 -1.18
CA ALA B 112 6.11 22.90 -1.64
C ALA B 112 5.19 23.16 -0.45
N LEU B 113 5.17 22.25 0.52
CA LEU B 113 4.34 22.42 1.71
C LEU B 113 4.78 23.58 2.56
N ARG B 114 6.07 23.86 2.62
CA ARG B 114 6.55 25.02 3.35
CA ARG B 114 6.55 25.00 3.36
C ARG B 114 6.29 26.34 2.68
N ARG B 115 6.10 26.37 1.35
CA ARG B 115 5.75 27.59 0.60
C ARG B 115 4.30 27.94 0.90
NI NI C . -0.10 -9.81 11.31
NI NI D . 0.84 12.25 -9.21
NI NI D . 0.36 12.77 -9.25
NA NA E . 5.96 18.43 -11.91
#